data_4CVL
#
_entry.id   4CVL
#
_cell.length_a   58.580
_cell.length_b   87.380
_cell.length_c   91.520
_cell.angle_alpha   90.00
_cell.angle_beta   90.00
_cell.angle_gamma   90.00
#
_symmetry.space_group_name_H-M   'P 21 21 21'
#
loop_
_entity.id
_entity.type
_entity.pdbx_description
1 polymer 'UDP-N-ACETYLMURAMOYL-TRIPEPTIDE--D-ALANYL-D-ALANINE LIGASE'
2 non-polymer 'PHOSPHOMETHYLPHOSPHONIC ACID ADENYLATE ESTER'
3 non-polymer 'MAGNESIUM ION'
#
_entity_poly.entity_id   1
_entity_poly.type   'polypeptide(L)'
_entity_poly.pdbx_seq_one_letter_code
;MLEPLRLSQLTVALDARLIGEDAVFSAVSTDSRAIGPGELFIALSGPRFDGHDYLAEVAAKGAVAALVEREVADAPLPQL
LVRDTRAALGRLGALNRRKFTGPLAAMTGSSGKTTVKEMLASILRTQAGDAESVLATRGNLNNDLGVPLTLLQLAPQHRS
AVIELGASRIGEIAYTVELTRPHVAIITNAGTAHVGEFGGPEKIVEAKGEILEGLAADGTAVLNLDDKAFDTWKARASGR
PLLTFSLDRPQADFRAADLQRDARGCMGFRLQGVAGEAQVQLNLLGRHNVANALAAAAAAHALGVPLDGIVAGLQALQPV
KGRAVAQLTASGLRVIDDSYNANPASMLAAIDILSGFSGRTVLVLGDMGELGSWAEQAHREVGAYAAGKVSALYAVGPLM
AHAVQAFGATGRHFADQASLIGALATEDPTTTILIKGSRSAAMDKVVAALCGSSEESHSSVDKLAAALEHHHHHH
;
_entity_poly.pdbx_strand_id   A
#
# COMPACT_ATOMS: atom_id res chain seq x y z
N MET A 1 6.52 -5.71 19.96
CA MET A 1 6.30 -7.05 20.62
C MET A 1 5.35 -6.90 21.79
N LEU A 2 4.74 -8.00 22.21
CA LEU A 2 3.72 -7.93 23.23
C LEU A 2 4.32 -8.09 24.60
N GLU A 3 5.35 -8.92 24.68
CA GLU A 3 6.27 -8.95 25.80
C GLU A 3 7.61 -9.19 25.16
N PRO A 4 8.70 -8.85 25.86
CA PRO A 4 10.04 -9.19 25.43
C PRO A 4 10.29 -10.66 25.61
N LEU A 5 11.32 -11.17 24.97
CA LEU A 5 11.57 -12.58 24.96
C LEU A 5 13.03 -12.76 25.27
N ARG A 6 13.44 -14.01 25.41
CA ARG A 6 14.67 -14.35 26.08
C ARG A 6 15.20 -15.58 25.39
N LEU A 7 16.42 -15.48 24.89
CA LEU A 7 17.00 -16.44 23.95
C LEU A 7 16.73 -17.90 24.35
N SER A 8 16.94 -18.18 25.64
CA SER A 8 16.82 -19.55 26.17
C SER A 8 15.39 -20.09 26.16
N GLN A 9 14.39 -19.20 26.16
CA GLN A 9 13.00 -19.59 26.01
C GLN A 9 12.66 -20.06 24.58
N LEU A 10 13.50 -19.71 23.61
CA LEU A 10 13.22 -19.88 22.18
C LEU A 10 13.89 -21.04 21.47
N THR A 11 14.87 -21.68 22.10
CA THR A 11 15.64 -22.72 21.41
C THR A 11 14.69 -23.86 20.99
N VAL A 12 13.83 -24.26 21.93
CA VAL A 12 12.63 -25.07 21.60
C VAL A 12 11.82 -24.44 20.45
N ALA A 13 11.04 -23.38 20.72
CA ALA A 13 10.11 -22.84 19.72
C ALA A 13 10.73 -22.51 18.37
N LEU A 14 12.05 -22.25 18.34
CA LEU A 14 12.71 -21.92 17.08
C LEU A 14 13.60 -23.01 16.52
N ASP A 15 13.72 -24.15 17.20
CA ASP A 15 14.56 -25.23 16.71
C ASP A 15 15.98 -24.64 16.54
N ALA A 16 16.63 -24.31 17.66
CA ALA A 16 17.83 -23.45 17.65
C ALA A 16 18.73 -23.61 18.90
N ARG A 17 20.03 -23.30 18.73
CA ARG A 17 21.03 -23.42 19.83
C ARG A 17 21.59 -22.08 20.31
N LEU A 18 21.42 -21.78 21.59
CA LEU A 18 22.06 -20.61 22.20
C LEU A 18 23.59 -20.79 22.30
N ILE A 19 24.33 -19.78 21.86
CA ILE A 19 25.79 -19.74 22.01
C ILE A 19 26.16 -18.47 22.73
N GLY A 20 26.72 -18.60 23.93
CA GLY A 20 27.03 -17.44 24.77
C GLY A 20 25.93 -17.15 25.75
N GLU A 21 26.04 -16.02 26.44
CA GLU A 21 25.10 -15.68 27.52
C GLU A 21 23.66 -15.54 27.04
N ASP A 22 22.73 -15.81 27.93
CA ASP A 22 21.32 -15.54 27.68
C ASP A 22 21.10 -14.03 27.57
N ALA A 23 19.97 -13.59 27.01
CA ALA A 23 19.59 -12.18 27.04
C ALA A 23 18.10 -12.05 26.84
N VAL A 24 17.61 -10.83 26.98
CA VAL A 24 16.21 -10.44 26.69
C VAL A 24 16.18 -9.33 25.64
N PHE A 25 15.32 -9.44 24.65
CA PHE A 25 15.08 -8.31 23.76
C PHE A 25 13.59 -8.00 23.68
N SER A 26 13.32 -6.77 23.28
CA SER A 26 11.95 -6.21 23.17
C SER A 26 11.60 -5.78 21.73
N ALA A 27 12.52 -6.02 20.77
CA ALA A 27 12.37 -5.54 19.42
C ALA A 27 13.46 -6.17 18.56
N VAL A 28 13.23 -6.26 17.26
CA VAL A 28 14.20 -6.89 16.33
C VAL A 28 14.54 -6.00 15.11
N SER A 29 15.80 -6.03 14.66
CA SER A 29 16.18 -5.31 13.44
C SER A 29 16.94 -6.25 12.49
N THR A 30 16.71 -6.12 11.19
CA THR A 30 17.40 -6.94 10.18
C THR A 30 18.37 -6.07 9.43
N ASP A 31 18.76 -4.95 10.05
CA ASP A 31 19.46 -3.85 9.37
C ASP A 31 20.40 -3.12 10.33
N SER A 32 21.70 -3.21 10.04
CA SER A 32 22.72 -2.78 10.98
C SER A 32 22.80 -1.27 11.12
N ARG A 33 22.41 -0.53 10.08
CA ARG A 33 22.35 0.95 10.14
C ARG A 33 20.95 1.44 10.62
N ALA A 34 20.47 0.89 11.74
CA ALA A 34 19.10 1.15 12.28
C ALA A 34 18.73 0.18 13.42
N ILE A 35 19.63 0.06 14.41
CA ILE A 35 19.44 -0.88 15.50
C ILE A 35 19.94 -0.22 16.78
N GLY A 36 19.46 -0.70 17.91
CA GLY A 36 19.86 -0.13 19.19
C GLY A 36 19.68 -1.08 20.37
N PRO A 37 19.83 -0.55 21.59
CA PRO A 37 19.67 -1.28 22.85
C PRO A 37 18.38 -2.11 22.94
N GLY A 38 18.45 -3.24 23.64
CA GLY A 38 17.27 -4.04 23.93
C GLY A 38 16.71 -4.73 22.71
N GLU A 39 17.55 -4.89 21.69
CA GLU A 39 17.08 -5.41 20.40
C GLU A 39 17.88 -6.61 19.86
N LEU A 40 17.20 -7.37 19.01
CA LEU A 40 17.76 -8.57 18.43
C LEU A 40 18.11 -8.25 17.01
N PHE A 41 19.28 -8.71 16.59
CA PHE A 41 19.67 -8.57 15.20
C PHE A 41 19.42 -9.86 14.47
N ILE A 42 18.79 -9.76 13.31
CA ILE A 42 18.57 -10.93 12.49
C ILE A 42 19.53 -10.82 11.32
N ALA A 43 20.55 -11.66 11.32
CA ALA A 43 21.49 -11.73 10.20
C ALA A 43 20.89 -12.51 9.00
N LEU A 44 20.48 -11.75 7.98
CA LEU A 44 20.01 -12.28 6.71
C LEU A 44 21.17 -12.20 5.72
N SER A 45 20.92 -12.53 4.45
CA SER A 45 22.00 -12.54 3.49
C SER A 45 21.59 -12.06 2.10
N ASP A 50 25.19 -9.11 3.32
CA ASP A 50 25.18 -10.26 4.27
C ASP A 50 25.34 -9.90 5.76
N GLY A 51 24.21 -9.79 6.46
CA GLY A 51 24.17 -9.44 7.88
C GLY A 51 25.27 -10.00 8.78
N HIS A 52 25.81 -11.17 8.42
CA HIS A 52 26.78 -11.89 9.26
C HIS A 52 28.13 -11.16 9.32
N ASP A 53 28.40 -10.27 8.37
CA ASP A 53 29.66 -9.50 8.40
C ASP A 53 29.64 -8.43 9.47
N TYR A 54 28.44 -7.93 9.76
CA TYR A 54 28.26 -6.75 10.56
C TYR A 54 28.03 -7.03 12.06
N LEU A 55 28.57 -8.13 12.60
CA LEU A 55 28.33 -8.44 14.01
C LEU A 55 28.97 -7.46 14.99
N ALA A 56 30.14 -6.89 14.67
CA ALA A 56 30.76 -5.86 15.54
C ALA A 56 29.92 -4.57 15.51
N GLU A 57 29.48 -4.16 14.30
CA GLU A 57 28.65 -2.95 14.14
C GLU A 57 27.40 -3.04 15.06
N VAL A 58 26.63 -4.13 15.01
CA VAL A 58 25.38 -4.17 15.82
C VAL A 58 25.67 -4.28 17.31
N ALA A 59 26.70 -5.03 17.67
CA ALA A 59 27.15 -5.11 19.07
C ALA A 59 27.49 -3.71 19.60
N ALA A 60 28.48 -3.09 18.99
CA ALA A 60 28.83 -1.71 19.30
C ALA A 60 27.57 -0.87 19.48
N LYS A 61 26.54 -1.10 18.68
CA LYS A 61 25.31 -0.29 18.77
C LYS A 61 24.33 -0.67 19.90
N GLY A 62 24.57 -1.79 20.58
CA GLY A 62 23.72 -2.20 21.72
C GLY A 62 22.67 -3.30 21.48
N ALA A 63 22.77 -4.02 20.38
CA ALA A 63 21.91 -5.17 20.22
C ALA A 63 22.37 -6.18 21.27
N VAL A 64 21.40 -6.90 21.83
CA VAL A 64 21.66 -7.77 22.95
C VAL A 64 22.18 -9.10 22.41
N ALA A 65 21.84 -9.40 21.14
CA ALA A 65 22.13 -10.72 20.51
C ALA A 65 21.96 -10.76 18.98
N ALA A 66 22.38 -11.84 18.35
CA ALA A 66 22.14 -12.02 16.91
C ALA A 66 21.56 -13.38 16.56
N LEU A 67 20.60 -13.39 15.64
CA LEU A 67 19.96 -14.62 15.12
C LEU A 67 20.64 -14.98 13.82
N VAL A 68 21.36 -16.08 13.82
CA VAL A 68 22.22 -16.43 12.70
C VAL A 68 21.83 -17.78 12.13
N GLU A 69 22.20 -17.99 10.87
CA GLU A 69 22.09 -19.30 10.24
C GLU A 69 23.43 -20.04 10.13
N ARG A 70 24.55 -19.33 10.34
CA ARG A 70 25.87 -19.94 10.49
C ARG A 70 26.67 -19.20 11.58
N GLU A 71 27.57 -19.93 12.22
CA GLU A 71 28.15 -19.53 13.52
C GLU A 71 29.44 -18.72 13.35
N ALA A 75 33.25 -14.57 18.30
CA ALA A 75 32.22 -13.57 17.93
C ALA A 75 31.75 -12.67 19.09
N PRO A 76 31.38 -11.40 18.78
CA PRO A 76 31.27 -10.37 19.78
C PRO A 76 29.92 -10.28 20.49
N LEU A 77 28.94 -11.12 20.14
CA LEU A 77 27.71 -11.20 20.94
C LEU A 77 27.08 -12.58 20.96
N PRO A 78 26.12 -12.80 21.89
CA PRO A 78 25.42 -14.09 21.90
C PRO A 78 24.74 -14.41 20.58
N GLN A 79 24.83 -15.67 20.18
CA GLN A 79 24.23 -16.13 18.96
C GLN A 79 23.16 -17.15 19.29
N LEU A 80 22.01 -16.97 18.67
CA LEU A 80 20.97 -17.97 18.66
C LEU A 80 21.04 -18.53 17.25
N LEU A 81 21.52 -19.75 17.12
CA LEU A 81 21.81 -20.33 15.80
C LEU A 81 20.63 -21.15 15.29
N VAL A 82 20.21 -20.87 14.05
CA VAL A 82 19.13 -21.59 13.41
C VAL A 82 19.59 -22.14 12.05
N ARG A 83 18.76 -22.97 11.42
CA ARG A 83 19.05 -23.44 10.06
C ARG A 83 18.69 -22.36 9.01
N ASP A 84 17.58 -21.62 9.21
CA ASP A 84 17.07 -20.55 8.26
C ASP A 84 16.62 -19.26 9.01
N THR A 85 17.21 -18.11 8.71
CA THR A 85 16.86 -16.90 9.45
C THR A 85 15.62 -16.15 8.91
N ARG A 86 15.29 -16.40 7.64
CA ARG A 86 14.02 -15.94 7.09
C ARG A 86 12.88 -16.77 7.69
N ALA A 87 13.14 -18.05 7.93
CA ALA A 87 12.16 -18.92 8.57
C ALA A 87 12.00 -18.54 10.04
N ALA A 88 13.12 -18.40 10.74
CA ALA A 88 13.14 -17.98 12.17
C ALA A 88 12.40 -16.67 12.44
N LEU A 89 12.53 -15.74 11.50
CA LEU A 89 11.83 -14.47 11.59
C LEU A 89 10.34 -14.75 11.51
N GLY A 90 9.97 -15.63 10.60
CA GLY A 90 8.57 -15.99 10.37
C GLY A 90 7.96 -16.56 11.61
N ARG A 91 8.72 -17.42 12.28
CA ARG A 91 8.25 -17.98 13.52
C ARG A 91 7.97 -16.87 14.56
N LEU A 92 8.91 -15.94 14.73
CA LEU A 92 8.78 -14.92 15.77
C LEU A 92 7.54 -14.07 15.55
N GLY A 93 7.28 -13.80 14.27
CA GLY A 93 6.10 -13.08 13.89
C GLY A 93 4.86 -13.84 14.31
N ALA A 94 4.68 -15.04 13.78
CA ALA A 94 3.50 -15.80 14.15
C ALA A 94 3.39 -15.79 15.67
N LEU A 95 4.52 -16.06 16.31
CA LEU A 95 4.54 -16.23 17.75
C LEU A 95 4.08 -14.98 18.49
N ASN A 96 4.53 -13.82 18.04
CA ASN A 96 4.05 -12.60 18.63
C ASN A 96 2.63 -12.28 18.20
N ARG A 97 2.22 -12.72 17.00
CA ARG A 97 0.84 -12.58 16.56
C ARG A 97 -0.07 -13.35 17.49
N ARG A 98 0.37 -14.50 17.97
CA ARG A 98 -0.52 -15.31 18.81
C ARG A 98 -0.73 -14.85 20.25
N LYS A 99 -0.10 -13.74 20.61
CA LYS A 99 -0.28 -13.09 21.90
C LYS A 99 -1.19 -11.89 21.76
N PHE A 100 -1.32 -11.37 20.55
CA PHE A 100 -2.32 -10.35 20.26
C PHE A 100 -3.68 -11.02 20.23
N THR A 101 -4.62 -10.48 21.02
CA THR A 101 -5.97 -11.03 21.14
C THR A 101 -7.05 -10.17 20.49
N GLY A 102 -6.62 -9.10 19.81
CA GLY A 102 -7.52 -8.15 19.18
C GLY A 102 -7.81 -8.47 17.73
N PRO A 103 -8.91 -7.88 17.18
CA PRO A 103 -9.32 -8.07 15.77
C PRO A 103 -8.22 -7.74 14.75
N LEU A 104 -8.22 -8.44 13.62
CA LEU A 104 -7.13 -8.32 12.65
C LEU A 104 -7.60 -8.66 11.26
N ALA A 105 -7.40 -7.70 10.35
CA ALA A 105 -7.73 -7.86 8.96
C ALA A 105 -6.48 -7.91 8.05
N ALA A 106 -6.59 -8.62 6.95
CA ALA A 106 -5.52 -8.60 6.00
C ALA A 106 -6.12 -8.68 4.61
N MET A 107 -5.27 -8.39 3.62
CA MET A 107 -5.70 -8.11 2.26
C MET A 107 -4.62 -8.40 1.24
N THR A 108 -5.06 -8.52 -0.01
CA THR A 108 -4.23 -9.02 -1.07
C THR A 108 -5.00 -8.86 -2.36
N GLY A 109 -4.26 -8.71 -3.45
CA GLY A 109 -4.78 -8.60 -4.78
C GLY A 109 -3.67 -8.08 -5.66
N SER A 110 -3.94 -7.95 -6.95
CA SER A 110 -2.97 -7.36 -7.89
C SER A 110 -2.74 -5.87 -7.56
N SER A 111 -3.82 -5.14 -7.35
CA SER A 111 -3.72 -3.71 -7.11
C SER A 111 -4.75 -3.24 -6.09
N GLY A 112 -4.37 -2.22 -5.33
CA GLY A 112 -5.29 -1.57 -4.42
C GLY A 112 -5.11 -2.00 -2.98
N LYS A 113 -4.32 -3.04 -2.74
CA LYS A 113 -4.19 -3.51 -1.39
C LYS A 113 -3.71 -2.44 -0.38
N THR A 114 -2.75 -1.58 -0.76
CA THR A 114 -2.32 -0.46 0.11
C THR A 114 -3.41 0.59 0.29
N THR A 115 -4.16 0.91 -0.74
CA THR A 115 -5.23 1.88 -0.53
C THR A 115 -6.30 1.30 0.38
N VAL A 116 -6.67 0.05 0.15
CA VAL A 116 -7.66 -0.55 1.05
C VAL A 116 -7.10 -0.59 2.47
N LYS A 117 -5.83 -0.97 2.62
CA LYS A 117 -5.18 -0.87 3.94
C LYS A 117 -5.34 0.53 4.54
N GLU A 118 -5.15 1.58 3.75
CA GLU A 118 -5.19 2.90 4.32
C GLU A 118 -6.57 3.29 4.69
N MET A 119 -7.52 2.95 3.83
CA MET A 119 -8.93 3.23 4.07
C MET A 119 -9.41 2.46 5.33
N LEU A 120 -8.95 1.23 5.47
CA LEU A 120 -9.35 0.46 6.61
C LEU A 120 -8.79 1.07 7.90
N ALA A 121 -7.46 1.24 7.98
CA ALA A 121 -6.82 1.88 9.12
C ALA A 121 -7.53 3.16 9.43
N SER A 122 -7.75 3.98 8.43
CA SER A 122 -8.43 5.24 8.68
C SER A 122 -9.77 5.03 9.37
N ILE A 123 -10.59 4.08 8.86
CA ILE A 123 -11.90 3.79 9.44
C ILE A 123 -11.79 3.35 10.89
N LEU A 124 -10.82 2.48 11.16
CA LEU A 124 -10.57 2.04 12.52
C LEU A 124 -10.08 3.16 13.41
N ARG A 125 -9.11 3.92 12.91
CA ARG A 125 -8.53 4.96 13.72
C ARG A 125 -9.54 6.03 14.06
N THR A 126 -10.32 6.46 13.08
CA THR A 126 -11.42 7.40 13.29
C THR A 126 -12.36 6.92 14.37
N GLN A 127 -12.76 5.66 14.22
CA GLN A 127 -13.66 4.98 15.15
C GLN A 127 -13.10 4.83 16.55
N ALA A 128 -11.80 4.57 16.68
CA ALA A 128 -11.18 4.42 17.99
C ALA A 128 -11.45 5.58 18.94
N GLY A 129 -11.49 6.84 18.50
CA GLY A 129 -10.64 7.34 17.46
C GLY A 129 -9.30 7.60 18.11
N ASP A 130 -8.25 7.03 17.53
CA ASP A 130 -6.93 7.05 18.13
C ASP A 130 -5.96 6.36 17.20
N ALA A 131 -5.13 7.12 16.51
CA ALA A 131 -4.22 6.54 15.55
C ALA A 131 -3.25 5.54 16.15
N GLU A 132 -2.86 5.72 17.39
CA GLU A 132 -1.84 4.86 17.99
C GLU A 132 -2.34 3.44 18.14
N SER A 133 -3.65 3.29 18.32
CA SER A 133 -4.24 2.00 18.73
C SER A 133 -4.49 0.99 17.60
N VAL A 134 -4.43 1.44 16.35
CA VAL A 134 -4.58 0.58 15.18
C VAL A 134 -3.21 0.42 14.48
N LEU A 135 -2.59 -0.76 14.52
CA LEU A 135 -1.33 -1.03 13.78
C LEU A 135 -1.52 -1.54 12.33
N ALA A 136 -0.97 -0.80 11.37
CA ALA A 136 -1.02 -1.17 9.96
C ALA A 136 0.37 -1.22 9.33
N THR A 137 0.58 -2.23 8.50
CA THR A 137 1.79 -2.40 7.72
C THR A 137 2.40 -1.05 7.32
N ARG A 138 3.62 -0.79 7.78
CA ARG A 138 4.33 0.45 7.42
C ARG A 138 4.84 0.20 6.00
N GLY A 139 4.41 1.05 5.09
CA GLY A 139 4.89 1.02 3.72
C GLY A 139 4.38 -0.17 2.93
N ASN A 140 5.34 -0.82 2.25
CA ASN A 140 5.11 -2.09 1.56
C ASN A 140 5.99 -3.18 2.18
N LEU A 141 5.83 -3.41 3.48
CA LEU A 141 6.44 -4.56 4.14
C LEU A 141 5.37 -5.63 4.19
N ASN A 142 5.11 -6.19 3.01
CA ASN A 142 4.00 -7.11 2.80
C ASN A 142 4.42 -8.49 2.24
N ASN A 143 5.73 -8.71 2.14
CA ASN A 143 6.26 -9.96 1.60
C ASN A 143 6.76 -10.88 2.70
N ASP A 144 7.58 -11.87 2.34
CA ASP A 144 8.00 -12.90 3.32
C ASP A 144 8.86 -12.43 4.52
N LEU A 145 9.60 -11.32 4.38
CA LEU A 145 10.27 -10.70 5.52
C LEU A 145 9.36 -9.61 6.11
N GLY A 146 8.75 -8.84 5.21
CA GLY A 146 7.91 -7.71 5.57
C GLY A 146 6.79 -8.01 6.53
N VAL A 147 6.13 -9.15 6.37
CA VAL A 147 4.96 -9.47 7.19
C VAL A 147 5.32 -9.93 8.61
N PRO A 148 6.34 -10.80 8.79
CA PRO A 148 6.73 -11.04 10.20
C PRO A 148 7.29 -9.79 10.89
N LEU A 149 8.15 -9.02 10.20
CA LEU A 149 8.60 -7.74 10.74
C LEU A 149 7.42 -6.87 11.20
N THR A 150 6.43 -6.71 10.35
CA THR A 150 5.19 -6.00 10.72
C THR A 150 4.44 -6.63 11.92
N LEU A 151 4.46 -7.97 11.97
CA LEU A 151 3.78 -8.71 13.06
C LEU A 151 4.47 -8.49 14.41
N LEU A 152 5.79 -8.35 14.39
CA LEU A 152 6.55 -8.05 15.61
C LEU A 152 6.25 -6.63 16.12
N GLN A 153 5.81 -5.73 15.24
CA GLN A 153 5.37 -4.42 15.66
C GLN A 153 4.17 -4.50 16.62
N LEU A 154 3.36 -5.54 16.50
CA LEU A 154 2.24 -5.70 17.41
C LEU A 154 2.72 -5.59 18.85
N ALA A 155 1.89 -4.96 19.68
CA ALA A 155 2.33 -4.47 20.98
C ALA A 155 1.13 -4.12 21.85
N PRO A 156 1.36 -3.86 23.15
CA PRO A 156 0.23 -3.85 24.05
C PRO A 156 -0.72 -2.67 23.87
N GLN A 157 -0.29 -1.60 23.20
CA GLN A 157 -1.19 -0.46 23.03
C GLN A 157 -2.18 -0.59 21.89
N HIS A 158 -1.93 -1.57 21.01
CA HIS A 158 -2.73 -1.80 19.81
C HIS A 158 -3.92 -2.58 20.23
N ARG A 159 -5.07 -2.30 19.63
CA ARG A 159 -6.32 -3.06 19.88
C ARG A 159 -6.89 -3.60 18.58
N SER A 160 -6.29 -3.24 17.45
CA SER A 160 -6.68 -3.81 16.17
C SER A 160 -5.47 -3.75 15.22
N ALA A 161 -5.56 -4.40 14.06
CA ALA A 161 -4.42 -4.42 13.13
C ALA A 161 -4.81 -4.76 11.67
N VAL A 162 -4.10 -4.12 10.73
CA VAL A 162 -4.41 -4.24 9.32
C VAL A 162 -3.16 -4.65 8.59
N ILE A 163 -3.20 -5.81 7.94
CA ILE A 163 -1.98 -6.39 7.35
C ILE A 163 -2.01 -6.64 5.84
N GLU A 164 -1.14 -5.93 5.12
CA GLU A 164 -0.97 -6.09 3.68
C GLU A 164 -0.14 -7.37 3.34
N LEU A 165 -0.69 -8.18 2.43
CA LEU A 165 -0.02 -9.37 1.97
C LEU A 165 0.19 -9.40 0.46
N GLY A 166 1.40 -9.12 0.00
CA GLY A 166 1.73 -9.25 -1.42
C GLY A 166 2.37 -10.58 -1.76
N ALA A 167 2.49 -10.86 -3.06
CA ALA A 167 3.10 -12.10 -3.58
C ALA A 167 3.85 -11.88 -4.89
N SER A 168 5.16 -12.07 -4.85
CA SER A 168 5.93 -12.23 -6.07
C SER A 168 5.90 -13.70 -6.59
N ARG A 169 5.11 -14.59 -5.96
CA ARG A 169 5.01 -16.00 -6.41
C ARG A 169 3.89 -16.81 -5.74
N ILE A 170 3.77 -18.05 -6.18
CA ILE A 170 2.94 -19.06 -5.52
C ILE A 170 3.50 -19.40 -4.11
N GLY A 171 2.59 -19.69 -3.19
CA GLY A 171 2.93 -20.13 -1.83
C GLY A 171 3.25 -19.02 -0.83
N GLU A 172 3.75 -17.89 -1.34
CA GLU A 172 4.19 -16.77 -0.49
C GLU A 172 3.06 -16.35 0.46
N ILE A 173 1.87 -16.12 -0.09
CA ILE A 173 0.73 -15.71 0.72
C ILE A 173 0.22 -16.82 1.66
N ALA A 174 0.24 -18.07 1.23
CA ALA A 174 -0.11 -19.17 2.13
C ALA A 174 0.87 -19.30 3.30
N TYR A 175 2.12 -18.92 3.07
CA TYR A 175 3.15 -18.95 4.12
C TYR A 175 2.86 -17.86 5.13
N THR A 176 2.72 -16.65 4.61
CA THR A 176 2.51 -15.49 5.43
C THR A 176 1.15 -15.46 6.09
N VAL A 177 0.13 -15.99 5.41
CA VAL A 177 -1.19 -15.95 6.00
C VAL A 177 -1.29 -16.94 7.17
N GLU A 178 -0.45 -17.97 7.18
CA GLU A 178 -0.34 -18.83 8.34
C GLU A 178 0.18 -18.02 9.52
N LEU A 179 1.24 -17.25 9.28
CA LEU A 179 1.81 -16.38 10.29
C LEU A 179 0.73 -15.45 10.83
N THR A 180 0.00 -14.84 9.92
CA THR A 180 -0.94 -13.80 10.25
C THR A 180 -2.23 -14.32 10.85
N ARG A 181 -2.78 -15.39 10.27
CA ARG A 181 -4.07 -15.96 10.72
C ARG A 181 -5.13 -14.89 11.09
N PRO A 182 -5.71 -14.22 10.06
CA PRO A 182 -6.61 -13.08 10.22
C PRO A 182 -8.09 -13.41 10.40
N HIS A 183 -8.83 -12.56 11.10
CA HIS A 183 -10.29 -12.74 11.25
C HIS A 183 -10.99 -12.34 9.97
N VAL A 184 -10.38 -11.46 9.17
CA VAL A 184 -11.00 -10.92 7.92
C VAL A 184 -10.02 -10.77 6.74
N ALA A 185 -10.25 -11.51 5.68
CA ALA A 185 -9.36 -11.52 4.52
C ALA A 185 -10.02 -10.76 3.40
N ILE A 186 -9.23 -10.09 2.58
CA ILE A 186 -9.74 -9.31 1.46
C ILE A 186 -8.94 -9.56 0.19
N ILE A 187 -9.69 -9.76 -0.91
CA ILE A 187 -9.12 -9.87 -2.24
C ILE A 187 -9.71 -8.77 -3.12
N THR A 188 -8.87 -7.77 -3.39
CA THR A 188 -9.22 -6.61 -4.19
C THR A 188 -9.58 -7.06 -5.61
N ASN A 189 -8.66 -7.80 -6.21
CA ASN A 189 -8.75 -8.19 -7.61
C ASN A 189 -7.57 -9.10 -7.94
N ALA A 190 -7.61 -9.78 -9.09
CA ALA A 190 -6.52 -10.68 -9.54
C ALA A 190 -5.64 -10.03 -10.59
N GLY A 200 1.58 -17.90 -14.76
CA GLY A 200 0.74 -17.13 -15.70
C GLY A 200 -0.50 -16.58 -15.02
N PRO A 201 -1.51 -16.15 -15.80
CA PRO A 201 -2.78 -15.62 -15.27
C PRO A 201 -3.53 -16.53 -14.30
N GLU A 202 -3.36 -17.86 -14.38
CA GLU A 202 -4.02 -18.75 -13.42
C GLU A 202 -3.19 -18.92 -12.15
N LYS A 203 -1.87 -18.75 -12.26
CA LYS A 203 -1.00 -18.74 -11.09
C LYS A 203 -1.37 -17.57 -10.16
N ILE A 204 -1.47 -16.37 -10.75
CA ILE A 204 -1.91 -15.14 -10.05
C ILE A 204 -3.20 -15.34 -9.25
N VAL A 205 -4.21 -16.01 -9.82
CA VAL A 205 -5.51 -16.26 -9.16
C VAL A 205 -5.38 -17.26 -8.01
N GLU A 206 -4.63 -18.34 -8.27
CA GLU A 206 -4.29 -19.33 -7.24
C GLU A 206 -3.54 -18.70 -6.10
N ALA A 207 -2.62 -17.80 -6.44
CA ALA A 207 -1.82 -17.16 -5.41
C ALA A 207 -2.70 -16.35 -4.47
N LYS A 208 -3.60 -15.53 -5.02
CA LYS A 208 -4.33 -14.56 -4.21
C LYS A 208 -5.39 -15.18 -3.28
N GLY A 209 -5.94 -16.33 -3.69
CA GLY A 209 -6.90 -17.08 -2.89
C GLY A 209 -6.20 -17.94 -1.86
N GLU A 210 -4.86 -17.99 -1.89
CA GLU A 210 -4.09 -18.61 -0.79
C GLU A 210 -4.41 -17.91 0.53
N ILE A 211 -4.87 -16.66 0.45
CA ILE A 211 -5.24 -15.93 1.67
C ILE A 211 -6.42 -16.57 2.39
N LEU A 212 -7.30 -17.23 1.65
CA LEU A 212 -8.46 -17.86 2.25
C LEU A 212 -8.07 -19.09 3.09
N GLU A 213 -6.86 -19.64 2.86
CA GLU A 213 -6.28 -20.69 3.74
C GLU A 213 -6.13 -20.24 5.21
N GLY A 214 -5.62 -19.02 5.46
CA GLY A 214 -5.46 -18.50 6.83
C GLY A 214 -6.70 -18.11 7.66
N LEU A 215 -7.86 -18.01 7.01
CA LEU A 215 -9.11 -17.69 7.75
C LEU A 215 -9.59 -18.84 8.67
N ALA A 216 -10.24 -18.53 9.80
CA ALA A 216 -10.96 -19.56 10.60
C ALA A 216 -12.30 -19.94 9.95
N ALA A 217 -12.93 -21.04 10.36
CA ALA A 217 -14.17 -21.54 9.71
C ALA A 217 -15.29 -20.50 9.64
N ASP A 218 -15.33 -19.62 10.63
CA ASP A 218 -16.30 -18.55 10.71
C ASP A 218 -15.72 -17.18 10.32
N GLY A 219 -14.40 -17.11 10.05
CA GLY A 219 -13.77 -15.86 9.57
C GLY A 219 -14.35 -15.39 8.25
N THR A 220 -14.52 -14.09 8.08
CA THR A 220 -15.24 -13.56 6.91
C THR A 220 -14.30 -13.29 5.77
N ALA A 221 -14.75 -13.59 4.54
CA ALA A 221 -13.96 -13.22 3.38
C ALA A 221 -14.62 -12.08 2.66
N VAL A 222 -13.80 -11.30 1.97
CA VAL A 222 -14.30 -10.14 1.25
C VAL A 222 -13.76 -10.13 -0.17
N LEU A 223 -14.70 -10.17 -1.12
CA LEU A 223 -14.46 -10.64 -2.47
C LEU A 223 -15.18 -9.80 -3.51
N ASN A 224 -14.43 -9.43 -4.54
CA ASN A 224 -14.91 -8.62 -5.65
C ASN A 224 -15.74 -9.45 -6.63
N LEU A 225 -17.05 -9.25 -6.59
CA LEU A 225 -17.99 -10.04 -7.40
C LEU A 225 -17.79 -9.79 -8.91
N ASP A 226 -17.25 -8.61 -9.25
CA ASP A 226 -16.93 -8.26 -10.62
C ASP A 226 -15.77 -9.07 -11.21
N ASP A 227 -14.84 -9.51 -10.38
CA ASP A 227 -13.64 -10.21 -10.87
C ASP A 227 -14.05 -11.50 -11.56
N LYS A 228 -13.28 -11.86 -12.59
CA LYS A 228 -13.49 -13.14 -13.29
C LYS A 228 -13.11 -14.34 -12.44
N ALA A 229 -12.24 -14.11 -11.45
CA ALA A 229 -11.85 -15.16 -10.51
C ALA A 229 -12.82 -15.33 -9.36
N PHE A 230 -13.95 -14.62 -9.39
CA PHE A 230 -14.86 -14.68 -8.28
C PHE A 230 -15.21 -16.09 -7.88
N ASP A 231 -15.55 -16.92 -8.85
CA ASP A 231 -15.94 -18.28 -8.54
C ASP A 231 -14.83 -19.15 -7.91
N THR A 232 -13.62 -19.18 -8.49
CA THR A 232 -12.53 -19.96 -7.91
C THR A 232 -12.48 -19.71 -6.42
N TRP A 233 -12.52 -18.43 -6.08
CA TRP A 233 -12.46 -18.01 -4.71
C TRP A 233 -13.70 -18.45 -3.96
N LYS A 234 -14.89 -18.16 -4.46
CA LYS A 234 -16.07 -18.59 -3.71
C LYS A 234 -15.92 -20.05 -3.32
N ALA A 235 -15.32 -20.84 -4.19
CA ALA A 235 -15.16 -22.26 -3.93
C ALA A 235 -14.20 -22.47 -2.76
N ARG A 236 -13.04 -21.85 -2.87
CA ARG A 236 -11.92 -21.99 -1.94
C ARG A 236 -12.24 -21.49 -0.54
N ALA A 237 -13.22 -20.61 -0.41
CA ALA A 237 -13.66 -20.14 0.89
C ALA A 237 -14.52 -21.16 1.68
N SER A 238 -15.10 -22.16 1.01
CA SER A 238 -15.69 -23.31 1.71
C SER A 238 -16.66 -22.96 2.83
N GLY A 239 -17.71 -22.22 2.51
CA GLY A 239 -18.82 -21.97 3.45
C GLY A 239 -18.61 -20.86 4.48
N ARG A 240 -17.40 -20.30 4.52
CA ARG A 240 -17.08 -19.18 5.41
C ARG A 240 -17.99 -17.98 5.17
N PRO A 241 -18.25 -17.20 6.22
CA PRO A 241 -19.05 -16.01 5.94
C PRO A 241 -18.40 -15.09 4.87
N LEU A 242 -19.23 -14.52 4.00
CA LEU A 242 -18.77 -13.94 2.76
C LEU A 242 -19.44 -12.61 2.57
N LEU A 243 -18.63 -11.56 2.36
CA LEU A 243 -19.15 -10.23 2.02
C LEU A 243 -18.61 -9.79 0.64
N THR A 244 -19.49 -9.34 -0.27
CA THR A 244 -19.10 -9.04 -1.66
C THR A 244 -19.18 -7.56 -2.03
N PHE A 245 -18.30 -7.11 -2.92
CA PHE A 245 -18.40 -5.76 -3.47
C PHE A 245 -18.45 -5.78 -5.00
N SER A 246 -19.20 -4.80 -5.54
CA SER A 246 -19.39 -4.62 -6.99
C SER A 246 -19.67 -3.15 -7.32
N LEU A 247 -19.32 -2.70 -8.52
CA LEU A 247 -19.79 -1.39 -9.02
C LEU A 247 -20.79 -1.60 -10.15
N ASP A 248 -21.41 -2.77 -10.23
CA ASP A 248 -22.21 -3.13 -11.38
C ASP A 248 -23.49 -3.82 -10.91
N ARG A 249 -23.37 -4.68 -9.90
CA ARG A 249 -24.38 -5.69 -9.62
C ARG A 249 -25.23 -5.32 -8.43
N PRO A 250 -26.57 -5.40 -8.58
CA PRO A 250 -27.47 -5.02 -7.49
C PRO A 250 -27.53 -6.04 -6.32
N GLN A 251 -27.07 -7.26 -6.52
CA GLN A 251 -27.18 -8.27 -5.47
C GLN A 251 -26.09 -8.20 -4.40
N ALA A 252 -24.97 -7.54 -4.69
CA ALA A 252 -23.78 -7.58 -3.80
C ALA A 252 -24.06 -6.97 -2.44
N ASP A 253 -23.32 -7.41 -1.45
CA ASP A 253 -23.56 -6.90 -0.11
C ASP A 253 -23.20 -5.42 0.02
N PHE A 254 -22.26 -4.94 -0.81
CA PHE A 254 -21.74 -3.57 -0.74
C PHE A 254 -21.70 -2.99 -2.13
N ARG A 255 -22.33 -1.83 -2.31
CA ARG A 255 -22.54 -1.25 -3.64
C ARG A 255 -22.39 0.25 -3.63
N ALA A 256 -22.15 0.80 -4.83
CA ALA A 256 -22.01 2.23 -5.04
C ALA A 256 -22.94 2.62 -6.17
N ALA A 257 -23.65 3.74 -5.99
CA ALA A 257 -24.43 4.37 -7.06
C ALA A 257 -24.05 5.86 -7.21
N ASP A 258 -24.56 6.50 -8.26
CA ASP A 258 -24.31 7.91 -8.54
C ASP A 258 -22.85 8.32 -8.33
N LEU A 259 -21.94 7.67 -9.05
CA LEU A 259 -20.56 8.11 -9.09
C LEU A 259 -20.53 9.45 -9.82
N GLN A 260 -19.89 10.45 -9.24
CA GLN A 260 -19.82 11.77 -9.84
C GLN A 260 -18.63 12.51 -9.26
N ARG A 261 -17.74 12.97 -10.15
CA ARG A 261 -16.52 13.69 -9.75
C ARG A 261 -16.81 15.08 -9.18
N ASP A 262 -16.10 15.50 -8.14
CA ASP A 262 -16.26 16.86 -7.64
C ASP A 262 -15.38 17.72 -8.53
N ALA A 263 -15.31 19.01 -8.25
CA ALA A 263 -14.61 19.93 -9.13
C ALA A 263 -13.10 19.64 -9.16
N ARG A 264 -12.49 19.20 -8.07
CA ARG A 264 -11.08 18.86 -8.16
C ARG A 264 -10.88 17.56 -8.90
N GLY A 265 -11.94 16.80 -9.05
CA GLY A 265 -11.91 15.54 -9.80
C GLY A 265 -12.19 14.33 -8.92
N CYS A 266 -12.03 14.47 -7.60
CA CYS A 266 -12.12 13.31 -6.70
C CYS A 266 -13.51 12.65 -6.76
N MET A 267 -13.56 11.36 -6.47
CA MET A 267 -14.74 10.56 -6.81
C MET A 267 -15.78 10.59 -5.71
N GLY A 268 -16.98 11.08 -6.01
CA GLY A 268 -18.12 10.92 -5.09
C GLY A 268 -18.90 9.65 -5.41
N PHE A 269 -19.63 9.08 -4.43
CA PHE A 269 -20.68 8.07 -4.72
C PHE A 269 -21.63 7.88 -3.53
N ARG A 270 -22.82 7.31 -3.78
CA ARG A 270 -23.77 6.95 -2.70
C ARG A 270 -23.51 5.51 -2.38
N LEU A 271 -22.99 5.24 -1.18
CA LEU A 271 -22.76 3.85 -0.71
C LEU A 271 -24.08 3.15 -0.45
N GLN A 272 -24.15 1.85 -0.63
CA GLN A 272 -25.38 1.10 -0.42
C GLN A 272 -25.12 -0.35 -0.03
N GLY A 273 -26.17 -1.04 0.40
CA GLY A 273 -26.06 -2.44 0.79
C GLY A 273 -26.26 -2.65 2.26
N VAL A 274 -25.68 -3.72 2.77
CA VAL A 274 -26.03 -4.19 4.11
C VAL A 274 -25.70 -3.23 5.27
N ALA A 275 -24.75 -2.33 5.08
CA ALA A 275 -24.34 -1.46 6.19
C ALA A 275 -25.26 -0.27 6.33
N GLY A 276 -26.02 0.05 5.29
CA GLY A 276 -26.84 1.26 5.23
C GLY A 276 -26.53 2.06 3.98
N GLU A 277 -27.33 3.10 3.71
CA GLU A 277 -27.10 4.02 2.58
C GLU A 277 -26.50 5.35 3.08
N ALA A 278 -25.46 5.85 2.40
CA ALA A 278 -24.92 7.16 2.73
C ALA A 278 -24.06 7.71 1.60
N GLN A 279 -23.87 9.03 1.60
CA GLN A 279 -23.02 9.72 0.62
C GLN A 279 -21.57 9.71 1.08
N VAL A 280 -20.67 9.46 0.15
CA VAL A 280 -19.26 9.51 0.43
C VAL A 280 -18.60 10.30 -0.68
N GLN A 281 -17.80 11.27 -0.27
CA GLN A 281 -16.95 12.01 -1.14
C GLN A 281 -15.55 11.63 -0.68
N LEU A 282 -14.83 10.88 -1.50
CA LEU A 282 -13.41 10.59 -1.26
C LEU A 282 -12.51 11.76 -1.65
N ASN A 283 -11.25 11.78 -1.17
CA ASN A 283 -10.24 12.78 -1.65
C ASN A 283 -9.23 12.17 -2.63
N LEU A 284 -9.71 11.18 -3.38
CA LEU A 284 -8.89 10.47 -4.35
C LEU A 284 -9.55 10.41 -5.76
N LEU A 285 -8.76 9.96 -6.74
CA LEU A 285 -9.13 9.88 -8.15
C LEU A 285 -9.47 8.47 -8.60
N GLY A 286 -10.26 8.35 -9.67
CA GLY A 286 -10.49 7.05 -10.34
C GLY A 286 -11.69 6.25 -9.85
N ARG A 287 -12.44 5.67 -10.78
CA ARG A 287 -13.47 4.68 -10.46
C ARG A 287 -12.92 3.54 -9.55
N HIS A 288 -11.70 3.09 -9.81
CA HIS A 288 -11.09 1.97 -9.07
C HIS A 288 -11.05 2.19 -7.53
N ASN A 289 -10.90 3.42 -7.07
CA ASN A 289 -10.87 3.65 -5.65
C ASN A 289 -12.27 3.58 -5.02
N VAL A 290 -13.32 3.60 -5.83
CA VAL A 290 -14.63 3.35 -5.28
C VAL A 290 -14.72 1.88 -4.97
N ALA A 291 -14.16 1.03 -5.82
CA ALA A 291 -14.14 -0.41 -5.48
C ALA A 291 -13.36 -0.58 -4.19
N ASN A 292 -12.15 0.01 -4.11
CA ASN A 292 -11.33 -0.08 -2.92
C ASN A 292 -12.11 0.30 -1.66
N ALA A 293 -12.81 1.42 -1.74
CA ALA A 293 -13.64 1.87 -0.63
C ALA A 293 -14.69 0.85 -0.26
N LEU A 294 -15.33 0.21 -1.24
CA LEU A 294 -16.38 -0.76 -0.90
C LEU A 294 -15.75 -1.89 -0.13
N ALA A 295 -14.55 -2.29 -0.54
CA ALA A 295 -13.86 -3.37 0.17
C ALA A 295 -13.46 -2.95 1.58
N ALA A 296 -12.92 -1.76 1.78
CA ALA A 296 -12.61 -1.33 3.14
C ALA A 296 -13.88 -1.30 4.00
N ALA A 297 -15.00 -0.89 3.39
CA ALA A 297 -16.28 -0.79 4.11
C ALA A 297 -16.88 -2.14 4.50
N ALA A 298 -16.85 -3.08 3.58
CA ALA A 298 -17.20 -4.46 3.87
C ALA A 298 -16.42 -5.03 5.08
N ALA A 299 -15.13 -4.72 5.14
CA ALA A 299 -14.24 -5.29 6.15
C ALA A 299 -14.49 -4.62 7.48
N ALA A 300 -14.69 -3.31 7.42
CA ALA A 300 -15.11 -2.56 8.59
C ALA A 300 -16.45 -3.10 9.10
N HIS A 301 -17.45 -3.24 8.23
CA HIS A 301 -18.71 -3.84 8.64
C HIS A 301 -18.49 -5.15 9.41
N ALA A 302 -17.87 -6.12 8.74
CA ALA A 302 -17.39 -7.34 9.39
C ALA A 302 -16.85 -7.13 10.80
N LEU A 303 -16.10 -6.07 11.03
CA LEU A 303 -15.54 -5.80 12.37
C LEU A 303 -16.53 -4.99 13.20
N GLY A 304 -17.78 -4.98 12.77
CA GLY A 304 -18.82 -4.24 13.45
C GLY A 304 -18.54 -2.79 13.75
N VAL A 305 -18.05 -2.05 12.74
CA VAL A 305 -17.99 -0.57 12.78
C VAL A 305 -19.30 0.04 12.22
N PRO A 306 -19.89 1.01 12.91
CA PRO A 306 -21.20 1.48 12.42
C PRO A 306 -21.10 2.33 11.15
N LEU A 307 -22.21 2.46 10.42
CA LEU A 307 -22.22 3.21 9.15
C LEU A 307 -21.39 4.53 9.09
N ASP A 308 -21.37 5.35 10.14
CA ASP A 308 -20.64 6.62 10.03
C ASP A 308 -19.19 6.56 10.53
N GLY A 309 -18.78 5.47 11.17
CA GLY A 309 -17.35 5.28 11.44
C GLY A 309 -16.65 5.06 10.12
N ILE A 310 -17.36 4.35 9.24
CA ILE A 310 -16.94 4.01 7.90
C ILE A 310 -16.80 5.26 7.03
N VAL A 311 -17.91 6.01 6.93
CA VAL A 311 -18.02 7.23 6.13
C VAL A 311 -16.98 8.25 6.61
N ALA A 312 -16.96 8.50 7.91
CA ALA A 312 -16.00 9.45 8.45
C ALA A 312 -14.58 9.04 8.04
N GLY A 313 -14.24 7.77 8.20
CA GLY A 313 -12.88 7.29 7.92
C GLY A 313 -12.48 7.32 6.46
N LEU A 314 -13.44 7.09 5.58
CA LEU A 314 -13.19 7.22 4.14
C LEU A 314 -12.98 8.69 3.73
N GLN A 315 -13.82 9.57 4.28
CA GLN A 315 -13.77 10.98 3.96
C GLN A 315 -12.59 11.68 4.63
N ALA A 316 -12.07 11.10 5.70
CA ALA A 316 -10.92 11.65 6.39
C ALA A 316 -9.62 11.31 5.69
N LEU A 317 -9.63 10.39 4.72
CA LEU A 317 -8.36 9.98 4.09
C LEU A 317 -7.80 10.93 3.01
N GLN A 318 -6.72 11.64 3.34
CA GLN A 318 -5.93 12.38 2.37
C GLN A 318 -4.95 11.45 1.68
N PRO A 319 -4.63 11.73 0.40
CA PRO A 319 -3.54 11.00 -0.23
C PRO A 319 -2.19 11.46 0.32
N VAL A 320 -1.16 10.65 0.09
CA VAL A 320 0.18 11.00 0.50
C VAL A 320 0.62 12.18 -0.36
N LYS A 321 1.23 13.17 0.30
CA LYS A 321 1.73 14.38 -0.36
C LYS A 321 2.63 13.94 -1.48
N GLY A 322 2.43 14.55 -2.66
CA GLY A 322 3.22 14.24 -3.83
C GLY A 322 2.74 13.07 -4.66
N ARG A 323 1.69 12.35 -4.23
CA ARG A 323 1.18 11.21 -4.98
C ARG A 323 -0.28 11.41 -5.33
N ALA A 324 -0.53 11.91 -6.53
CA ALA A 324 -1.88 12.07 -7.09
C ALA A 324 -2.79 13.02 -6.32
N VAL A 325 -2.22 14.07 -5.71
CA VAL A 325 -3.00 15.06 -4.97
C VAL A 325 -3.68 16.04 -5.93
N ALA A 326 -5.00 15.89 -6.07
CA ALA A 326 -5.80 16.71 -6.94
C ALA A 326 -6.33 17.89 -6.14
N GLN A 327 -6.13 19.09 -6.67
CA GLN A 327 -6.51 20.32 -5.99
C GLN A 327 -6.97 21.28 -7.06
N LEU A 328 -7.46 22.44 -6.63
CA LEU A 328 -8.07 23.42 -7.53
C LEU A 328 -7.51 24.78 -7.21
N THR A 329 -6.98 25.47 -8.21
CA THR A 329 -6.42 26.78 -7.98
C THR A 329 -7.55 27.80 -7.90
N ALA A 330 -7.20 28.94 -7.31
CA ALA A 330 -8.12 30.07 -7.22
C ALA A 330 -8.53 30.57 -8.59
N SER A 331 -7.77 30.25 -9.63
CA SER A 331 -8.16 30.61 -10.99
C SER A 331 -9.07 29.58 -11.68
N GLY A 332 -9.43 28.48 -11.02
CA GLY A 332 -10.35 27.48 -11.59
C GLY A 332 -9.65 26.38 -12.37
N LEU A 333 -8.32 26.42 -12.34
CA LEU A 333 -7.51 25.33 -12.85
C LEU A 333 -7.50 24.10 -11.95
N ARG A 334 -7.59 22.93 -12.58
CA ARG A 334 -7.48 21.64 -11.88
C ARG A 334 -6.06 21.09 -11.98
N VAL A 335 -5.47 20.79 -10.83
CA VAL A 335 -4.04 20.53 -10.73
C VAL A 335 -3.69 19.30 -9.87
N ILE A 336 -2.96 18.37 -10.50
CA ILE A 336 -2.61 17.09 -9.87
C ILE A 336 -1.10 16.98 -9.49
N ASP A 337 -0.76 17.36 -8.28
CA ASP A 337 0.60 17.14 -7.81
C ASP A 337 0.88 15.65 -7.67
N ASP A 338 1.77 15.13 -8.53
CA ASP A 338 2.33 13.77 -8.42
C ASP A 338 3.87 13.84 -8.51
N SER A 339 4.50 14.38 -7.48
CA SER A 339 5.98 14.54 -7.45
C SER A 339 6.59 14.16 -6.11
N PRO A 344 8.82 5.95 -12.76
CA PRO A 344 8.90 6.18 -14.21
C PRO A 344 7.90 5.32 -14.95
N ALA A 345 7.62 4.11 -14.46
CA ALA A 345 6.52 3.32 -15.02
C ALA A 345 5.25 4.09 -14.76
N SER A 346 5.16 4.62 -13.54
CA SER A 346 4.10 5.53 -13.09
C SER A 346 3.80 6.68 -14.08
N MET A 347 4.82 7.19 -14.76
CA MET A 347 4.57 8.16 -15.83
C MET A 347 3.37 7.70 -16.67
N LEU A 348 3.39 6.43 -17.05
CA LEU A 348 2.31 5.83 -17.83
C LEU A 348 1.00 5.74 -17.01
N ALA A 349 1.05 5.35 -15.76
CA ALA A 349 -0.13 5.42 -14.91
C ALA A 349 -0.72 6.84 -14.93
N ALA A 350 0.12 7.80 -14.59
CA ALA A 350 -0.23 9.22 -14.61
C ALA A 350 -0.89 9.68 -15.92
N ILE A 351 -0.31 9.27 -17.03
CA ILE A 351 -0.88 9.58 -18.33
C ILE A 351 -2.31 9.07 -18.44
N ASP A 352 -2.55 7.87 -17.91
CA ASP A 352 -3.87 7.25 -17.96
C ASP A 352 -4.80 7.96 -17.00
N ILE A 353 -4.34 8.26 -15.79
CA ILE A 353 -5.15 9.11 -14.91
C ILE A 353 -5.72 10.31 -15.67
N LEU A 354 -4.82 11.08 -16.27
CA LEU A 354 -5.16 12.30 -17.00
C LEU A 354 -6.11 11.97 -18.14
N SER A 355 -5.79 10.92 -18.88
CA SER A 355 -6.64 10.49 -19.97
C SER A 355 -8.11 10.32 -19.60
N GLY A 356 -8.41 10.01 -18.34
CA GLY A 356 -9.80 10.01 -17.86
C GLY A 356 -10.46 11.38 -17.63
N PHE A 357 -9.92 12.47 -18.19
CA PHE A 357 -10.51 13.77 -17.99
C PHE A 357 -11.12 14.38 -19.25
N SER A 358 -12.21 15.11 -19.04
CA SER A 358 -13.12 15.50 -20.11
C SER A 358 -12.74 16.73 -20.91
N GLY A 359 -12.07 17.71 -20.31
CA GLY A 359 -11.71 18.91 -21.04
C GLY A 359 -10.37 18.78 -21.72
N ARG A 360 -9.73 19.91 -21.96
CA ARG A 360 -8.36 19.93 -22.36
C ARG A 360 -7.57 19.40 -21.20
N THR A 361 -6.55 18.61 -21.48
CA THR A 361 -5.68 18.04 -20.45
C THR A 361 -4.22 18.34 -20.78
N VAL A 362 -3.36 18.31 -19.79
CA VAL A 362 -1.99 18.73 -20.02
C VAL A 362 -1.03 18.07 -19.08
N LEU A 363 -0.06 17.39 -19.67
CA LEU A 363 0.95 16.65 -18.94
C LEU A 363 2.17 17.50 -18.79
N VAL A 364 2.76 17.49 -17.61
CA VAL A 364 3.90 18.35 -17.30
C VAL A 364 5.00 17.57 -16.56
N LEU A 365 6.10 17.36 -17.27
CA LEU A 365 7.12 16.46 -16.82
C LEU A 365 8.46 17.13 -16.79
N GLY A 366 9.20 16.89 -15.72
CA GLY A 366 10.61 17.15 -15.70
C GLY A 366 11.30 15.84 -15.98
N ASP A 367 12.63 15.86 -15.98
CA ASP A 367 13.45 14.68 -16.23
C ASP A 367 13.16 13.53 -15.25
N MET A 368 13.50 12.32 -15.71
CA MET A 368 13.66 11.14 -14.88
C MET A 368 15.18 10.84 -14.91
N GLY A 369 15.87 11.17 -13.81
CA GLY A 369 17.34 11.20 -13.79
C GLY A 369 17.94 10.10 -12.95
N ALA A 375 17.28 3.72 -21.97
CA ALA A 375 18.12 4.90 -21.78
C ALA A 375 17.31 6.15 -22.15
N GLU A 376 17.98 7.19 -22.64
CA GLU A 376 17.31 8.33 -23.31
C GLU A 376 16.08 7.91 -24.13
N GLN A 377 16.06 6.64 -24.54
CA GLN A 377 14.95 6.05 -25.27
C GLN A 377 13.62 6.06 -24.55
N ALA A 378 13.60 5.72 -23.26
CA ALA A 378 12.33 5.59 -22.53
C ALA A 378 11.55 6.92 -22.48
N HIS A 379 12.26 8.02 -22.66
CA HIS A 379 11.64 9.35 -22.73
C HIS A 379 10.95 9.57 -24.07
N ARG A 380 11.51 9.00 -25.15
CA ARG A 380 10.80 8.95 -26.42
C ARG A 380 9.60 8.03 -26.29
N GLU A 381 9.81 6.87 -25.68
CA GLU A 381 8.76 5.89 -25.52
C GLU A 381 7.57 6.54 -24.88
N VAL A 382 7.82 7.24 -23.79
CA VAL A 382 6.75 7.89 -23.04
C VAL A 382 6.02 8.88 -23.94
N GLY A 383 6.76 9.81 -24.53
CA GLY A 383 6.20 10.84 -25.40
C GLY A 383 5.20 10.30 -26.40
N ALA A 384 5.56 9.25 -27.12
CA ALA A 384 4.66 8.62 -28.08
C ALA A 384 3.44 8.02 -27.40
N TYR A 385 3.66 7.40 -26.23
CA TYR A 385 2.60 6.73 -25.52
C TYR A 385 1.55 7.74 -25.10
N ALA A 386 2.00 8.93 -24.74
CA ALA A 386 1.10 9.98 -24.33
C ALA A 386 0.19 10.38 -25.47
N ALA A 387 0.78 10.59 -26.65
CA ALA A 387 0.08 11.10 -27.81
C ALA A 387 -1.19 10.27 -28.08
N GLY A 388 -2.31 10.95 -28.26
CA GLY A 388 -3.61 10.29 -28.42
C GLY A 388 -4.47 10.29 -27.16
N LYS A 389 -3.83 10.34 -25.99
CA LYS A 389 -4.54 10.30 -24.72
C LYS A 389 -4.60 11.63 -23.94
N VAL A 390 -3.77 12.63 -24.27
CA VAL A 390 -3.73 13.96 -23.56
C VAL A 390 -3.58 15.17 -24.51
N SER A 391 -4.26 16.27 -24.25
CA SER A 391 -4.28 17.34 -25.24
C SER A 391 -2.89 17.88 -25.48
N ALA A 392 -2.06 17.92 -24.44
CA ALA A 392 -0.71 18.47 -24.62
C ALA A 392 0.27 18.01 -23.59
N LEU A 393 1.55 18.17 -23.93
CA LEU A 393 2.67 17.81 -23.09
C LEU A 393 3.69 18.95 -23.11
N TYR A 394 3.88 19.56 -21.94
CA TYR A 394 4.88 20.59 -21.73
C TYR A 394 5.97 19.92 -20.94
N ALA A 395 7.22 20.25 -21.19
CA ALA A 395 8.29 19.56 -20.45
C ALA A 395 9.57 20.36 -20.33
N VAL A 396 10.44 19.86 -19.46
CA VAL A 396 11.59 20.61 -18.96
C VAL A 396 12.73 19.67 -18.64
N GLY A 397 13.93 20.06 -19.08
CA GLY A 397 15.15 19.28 -18.85
C GLY A 397 15.61 18.65 -20.15
N PRO A 398 16.88 18.20 -20.20
CA PRO A 398 17.44 17.65 -21.44
C PRO A 398 16.66 16.47 -22.03
N LEU A 399 16.63 15.35 -21.30
CA LEU A 399 16.02 14.10 -21.79
C LEU A 399 14.61 14.31 -22.34
N MET A 400 13.81 15.18 -21.71
CA MET A 400 12.43 15.43 -22.13
C MET A 400 12.23 16.09 -23.50
N ALA A 401 13.26 16.70 -24.07
CA ALA A 401 13.20 17.18 -25.47
C ALA A 401 12.76 16.06 -26.41
N HIS A 402 13.23 14.86 -26.12
CA HIS A 402 12.93 13.74 -26.96
C HIS A 402 11.46 13.39 -26.88
N ALA A 403 10.90 13.44 -25.67
CA ALA A 403 9.49 13.13 -25.47
C ALA A 403 8.55 14.11 -26.23
N VAL A 404 8.85 15.40 -26.15
CA VAL A 404 8.02 16.41 -26.80
C VAL A 404 7.95 16.14 -28.29
N GLN A 405 9.12 15.88 -28.87
CA GLN A 405 9.27 15.50 -30.29
C GLN A 405 8.42 14.30 -30.62
N ALA A 406 8.62 13.23 -29.86
CA ALA A 406 7.91 11.98 -30.07
C ALA A 406 6.42 12.26 -30.18
N PHE A 407 5.89 12.92 -29.16
CA PHE A 407 4.47 13.26 -29.00
C PHE A 407 3.89 14.15 -30.13
N GLY A 408 4.75 14.92 -30.78
CA GLY A 408 4.37 15.64 -31.98
C GLY A 408 3.78 17.01 -31.75
N ALA A 409 3.01 17.45 -32.73
CA ALA A 409 2.64 18.87 -32.92
C ALA A 409 2.31 19.65 -31.67
N THR A 410 1.34 19.19 -30.87
CA THR A 410 0.87 19.99 -29.72
C THR A 410 1.82 19.99 -28.49
N GLY A 411 3.02 19.42 -28.63
CA GLY A 411 4.02 19.46 -27.54
C GLY A 411 4.78 20.78 -27.54
N ARG A 412 5.17 21.25 -26.35
CA ARG A 412 6.00 22.46 -26.23
C ARG A 412 7.11 22.11 -25.25
N HIS A 413 8.36 22.16 -25.70
CA HIS A 413 9.48 21.90 -24.80
C HIS A 413 9.88 23.20 -24.14
N PHE A 414 10.57 23.13 -22.99
CA PHE A 414 10.96 24.35 -22.29
C PHE A 414 12.37 24.35 -21.73
N ALA A 415 12.90 25.56 -21.64
CA ALA A 415 14.30 25.81 -21.24
C ALA A 415 14.47 25.89 -19.70
N ASP A 416 13.44 26.33 -18.98
CA ASP A 416 13.48 26.38 -17.52
C ASP A 416 12.07 26.33 -16.92
N GLN A 417 12.00 26.26 -15.59
CA GLN A 417 10.70 26.20 -14.92
C GLN A 417 9.88 27.47 -15.18
N ALA A 418 10.58 28.59 -15.32
CA ALA A 418 9.92 29.91 -15.42
C ALA A 418 9.06 30.08 -16.67
N SER A 419 9.61 29.73 -17.83
CA SER A 419 8.87 29.94 -19.06
C SER A 419 7.67 28.98 -19.05
N LEU A 420 7.93 27.78 -18.54
CA LEU A 420 6.93 26.75 -18.28
C LEU A 420 5.73 27.29 -17.48
N ILE A 421 6.00 27.74 -16.26
CA ILE A 421 4.99 28.34 -15.37
C ILE A 421 4.27 29.53 -15.98
N GLY A 422 4.97 30.27 -16.86
CA GLY A 422 4.38 31.36 -17.62
C GLY A 422 3.36 30.82 -18.59
N ALA A 423 3.79 29.87 -19.42
CA ALA A 423 2.87 29.13 -20.29
C ALA A 423 1.64 28.59 -19.56
N LEU A 424 1.84 28.03 -18.38
CA LEU A 424 0.79 27.34 -17.65
C LEU A 424 -0.24 28.29 -17.07
N ALA A 425 0.23 29.42 -16.57
CA ALA A 425 -0.65 30.49 -16.09
C ALA A 425 -1.64 30.97 -17.17
N THR A 426 -1.43 30.57 -18.42
CA THR A 426 -2.35 30.87 -19.51
C THR A 426 -3.57 29.99 -19.65
N GLU A 427 -3.63 28.87 -18.94
CA GLU A 427 -4.61 27.83 -19.29
C GLU A 427 -6.00 28.17 -18.72
N ASP A 428 -7.04 27.98 -19.52
CA ASP A 428 -8.43 28.26 -19.09
C ASP A 428 -8.92 27.13 -18.18
N PRO A 429 -9.91 27.42 -17.30
CA PRO A 429 -10.58 26.39 -16.47
C PRO A 429 -11.30 25.30 -17.28
N THR A 430 -11.56 24.16 -16.63
CA THR A 430 -12.00 22.88 -17.26
C THR A 430 -10.80 22.10 -17.80
N THR A 431 -9.70 22.82 -18.03
CA THR A 431 -8.40 22.22 -18.28
C THR A 431 -7.87 21.54 -17.04
N THR A 432 -7.31 20.34 -17.22
CA THR A 432 -6.70 19.61 -16.12
C THR A 432 -5.20 19.44 -16.34
N ILE A 433 -4.42 19.67 -15.29
CA ILE A 433 -2.97 19.71 -15.44
C ILE A 433 -2.36 18.69 -14.55
N LEU A 434 -1.32 18.01 -15.02
CA LEU A 434 -0.66 17.03 -14.16
C LEU A 434 0.83 17.18 -14.21
N ILE A 435 1.44 17.31 -13.04
CA ILE A 435 2.86 17.52 -12.92
C ILE A 435 3.52 16.28 -12.35
N LYS A 436 4.70 15.96 -12.89
CA LYS A 436 5.48 14.79 -12.48
C LYS A 436 6.97 14.99 -12.81
N GLY A 437 7.84 14.22 -12.17
CA GLY A 437 9.27 14.27 -12.41
C GLY A 437 9.98 13.72 -11.20
N SER A 438 11.27 13.44 -11.31
CA SER A 438 12.04 12.91 -10.18
C SER A 438 12.35 14.02 -9.16
N ARG A 439 12.60 13.61 -7.91
CA ARG A 439 12.88 14.55 -6.81
C ARG A 439 14.06 15.50 -7.12
N SER A 440 15.09 15.02 -7.82
CA SER A 440 16.21 15.88 -8.23
C SER A 440 15.87 16.78 -9.42
N ALA A 441 14.78 16.46 -10.12
CA ALA A 441 14.15 17.38 -11.09
C ALA A 441 13.29 18.49 -10.41
N ALA A 442 12.94 18.29 -9.14
CA ALA A 442 12.27 19.31 -8.30
C ALA A 442 11.18 20.05 -9.03
N MET A 443 10.10 19.32 -9.33
CA MET A 443 8.90 19.89 -9.97
C MET A 443 7.81 20.34 -8.97
N ASP A 444 7.98 20.01 -7.69
CA ASP A 444 7.19 20.61 -6.61
C ASP A 444 7.22 22.14 -6.68
N LYS A 445 8.38 22.66 -7.10
CA LYS A 445 8.57 24.07 -7.43
C LYS A 445 7.46 24.62 -8.35
N VAL A 446 6.93 23.79 -9.25
CA VAL A 446 5.87 24.22 -10.19
C VAL A 446 4.41 24.13 -9.64
N VAL A 447 4.17 23.13 -8.77
CA VAL A 447 2.91 22.99 -8.03
C VAL A 447 2.71 24.23 -7.14
N ALA A 448 3.75 24.57 -6.40
CA ALA A 448 3.73 25.74 -5.53
C ALA A 448 3.32 26.97 -6.34
N ALA A 449 4.04 27.19 -7.44
CA ALA A 449 3.82 28.30 -8.36
C ALA A 449 2.38 28.54 -8.84
N LEU A 450 1.49 27.56 -8.71
CA LEU A 450 0.07 27.71 -9.11
C LEU A 450 -0.93 27.52 -7.95
N CYS A 451 -0.47 26.89 -6.86
CA CYS A 451 -1.31 26.60 -5.70
C CYS A 451 -1.16 27.67 -4.63
#